data_8RTZ
#
_entry.id   8RTZ
#
_cell.length_a   97.890
_cell.length_b   152.181
_cell.length_c   43.675
_cell.angle_alpha   90.000
_cell.angle_beta   90.000
_cell.angle_gamma   90.000
#
_symmetry.space_group_name_H-M   'C 2 2 21'
#
loop_
_entity.id
_entity.type
_entity.pdbx_description
1 polymer 'Peptidoglycan D,D-transpeptidase FtsI'
2 polymer 'Bicyclic peptide inhibitor'
3 non-polymer "1,1',1''-(1,3,5-triazinane-1,3,5-triyl)tripropan-1-one"
4 water water
#
loop_
_entity_poly.entity_id
_entity_poly.type
_entity_poly.pdbx_seq_one_letter_code
_entity_poly.pdbx_strand_id
1 'polypeptide(L)'
;GPGYQDPLSIDERLQALVYRELNNAVAFNKAESGSAVLVDVNTGEVLAMANSPGRNRTITDVFEPGSTVKPMVVMTALQR
GVVRENSVLNTIPYRINGHEIKDVARYSELTLTGVLQKSSNVGVSKLALAMPSSALVDTYSRFGLGKATNLGLVGERSGL
YPQKQRWSDIERATFSFGYGLMVTPLQLARVYATIGSYGIYRPLSITKVDPPVPGERVFPESIVRTVVHMMESVALPGGG
GVKAAIKGYRIAIKTGTAKKVGPDGRYINKYIAYTAGVAPASQPRFALVVVINDPQAGKYYGGAVSAPVFGAIMGGVLRT
MNIEPDALTTGDKNEFVINQGEGTGGRS
;
AAA
2 'polypeptide(L)' ACSFPKCPWVEGCA(NH2) A
#
loop_
_chem_comp.id
_chem_comp.type
_chem_comp.name
_chem_comp.formula
29N non-polymer 1,1',1''-(1,3,5-triazinane-1,3,5-triyl)tripropan-1-one 'C12 H21 N3 O3'
NH2 non-polymer 'AMINO GROUP' 'H2 N'
#
# COMPACT_ATOMS: atom_id res chain seq x y z
N PRO A 7 4.89 -21.20 19.77
CA PRO A 7 3.43 -20.94 19.74
C PRO A 7 3.10 -19.87 18.69
N LEU A 8 2.58 -20.29 17.53
CA LEU A 8 2.43 -19.39 16.35
C LEU A 8 1.29 -18.39 16.56
N SER A 9 1.45 -17.20 16.00
CA SER A 9 0.43 -16.11 16.07
C SER A 9 -0.71 -16.32 15.06
N ILE A 10 -0.53 -17.18 14.04
CA ILE A 10 -1.55 -17.36 12.97
C ILE A 10 -2.84 -17.81 13.62
N ASP A 11 -3.94 -17.17 13.28
CA ASP A 11 -5.30 -17.61 13.64
C ASP A 11 -5.86 -18.47 12.54
N GLU A 12 -5.96 -19.78 12.74
CA GLU A 12 -6.33 -20.70 11.65
C GLU A 12 -7.68 -20.37 11.01
N ARG A 13 -8.62 -19.80 11.76
CA ARG A 13 -9.90 -19.35 11.17
C ARG A 13 -9.62 -18.30 10.09
N LEU A 14 -8.80 -17.32 10.44
CA LEU A 14 -8.50 -16.18 9.52
C LEU A 14 -7.66 -16.74 8.37
N GLN A 15 -6.67 -17.61 8.67
CA GLN A 15 -5.82 -18.25 7.63
C GLN A 15 -6.72 -18.97 6.63
N ALA A 16 -7.73 -19.73 7.11
CA ALA A 16 -8.60 -20.48 6.18
C ALA A 16 -9.47 -19.55 5.31
N LEU A 17 -10.02 -18.49 5.88
CA LEU A 17 -10.86 -17.60 5.03
C LEU A 17 -9.95 -16.81 4.08
N VAL A 18 -8.73 -16.46 4.47
CA VAL A 18 -7.78 -15.73 3.58
C VAL A 18 -7.44 -16.61 2.40
N TYR A 19 -7.10 -17.87 2.66
CA TYR A 19 -6.72 -18.84 1.61
C TYR A 19 -7.90 -19.06 0.66
N ARG A 20 -9.11 -19.26 1.19
CA ARG A 20 -10.33 -19.50 0.40
C ARG A 20 -10.51 -18.32 -0.57
N GLU A 21 -10.47 -17.12 -0.03
CA GLU A 21 -10.86 -15.92 -0.82
C GLU A 21 -9.75 -15.63 -1.83
N LEU A 22 -8.53 -15.78 -1.42
CA LEU A 22 -7.36 -15.53 -2.29
C LEU A 22 -7.38 -16.57 -3.42
N ASN A 23 -7.64 -17.85 -3.11
CA ASN A 23 -7.68 -18.90 -4.16
C ASN A 23 -8.79 -18.58 -5.17
N ASN A 24 -9.95 -18.15 -4.68
CA ASN A 24 -11.09 -17.83 -5.58
CA ASN A 24 -11.10 -17.79 -5.53
C ASN A 24 -10.72 -16.61 -6.44
N ALA A 25 -10.10 -15.60 -5.88
CA ALA A 25 -9.77 -14.38 -6.64
C ALA A 25 -8.70 -14.67 -7.67
N VAL A 26 -7.75 -15.53 -7.34
CA VAL A 26 -6.68 -15.89 -8.30
C VAL A 26 -7.33 -16.64 -9.48
N ALA A 27 -8.29 -17.52 -9.22
CA ALA A 27 -8.99 -18.26 -10.28
C ALA A 27 -9.85 -17.29 -11.11
N PHE A 28 -10.63 -16.44 -10.45
CA PHE A 28 -11.57 -15.52 -11.13
C PHE A 28 -10.80 -14.60 -12.08
N ASN A 29 -9.61 -14.16 -11.68
CA ASN A 29 -8.76 -13.26 -12.49
C ASN A 29 -7.82 -14.00 -13.43
N LYS A 30 -7.89 -15.32 -13.49
CA LYS A 30 -7.05 -16.18 -14.34
C LYS A 30 -5.59 -15.77 -14.13
N ALA A 31 -5.22 -15.56 -12.87
CA ALA A 31 -3.91 -15.02 -12.49
C ALA A 31 -2.92 -16.17 -12.25
N GLU A 32 -1.64 -15.84 -12.34
CA GLU A 32 -0.58 -16.79 -11.96
C GLU A 32 -0.72 -17.13 -10.47
N SER A 33 -0.80 -16.11 -9.63
CA SER A 33 -0.67 -16.34 -8.17
C SER A 33 -1.21 -15.15 -7.38
N GLY A 34 -1.21 -15.28 -6.09
CA GLY A 34 -1.54 -14.15 -5.23
C GLY A 34 -0.99 -14.39 -3.84
N SER A 35 -0.89 -13.32 -3.06
CA SER A 35 -0.48 -13.44 -1.65
C SER A 35 -1.40 -12.57 -0.80
N ALA A 36 -1.51 -12.89 0.47
CA ALA A 36 -2.22 -12.00 1.42
C ALA A 36 -1.54 -12.09 2.75
N VAL A 37 -1.36 -10.95 3.41
CA VAL A 37 -0.74 -10.92 4.76
C VAL A 37 -1.64 -10.07 5.65
N LEU A 38 -1.99 -10.59 6.83
CA LEU A 38 -2.89 -9.93 7.78
C LEU A 38 -2.15 -9.74 9.11
N VAL A 39 -2.07 -8.50 9.61
CA VAL A 39 -1.23 -8.13 10.78
C VAL A 39 -2.08 -7.39 11.82
N ASP A 40 -1.84 -7.70 13.08
CA ASP A 40 -2.47 -7.01 14.23
C ASP A 40 -1.72 -5.70 14.45
N VAL A 41 -2.39 -4.56 14.31
CA VAL A 41 -1.71 -3.22 14.26
C VAL A 41 -1.24 -2.78 15.64
N ASN A 42 -1.68 -3.45 16.68
CA ASN A 42 -1.26 -3.18 18.10
C ASN A 42 -0.08 -4.07 18.56
N THR A 43 0.11 -5.28 17.97
CA THR A 43 1.08 -6.28 18.49
C THR A 43 2.16 -6.66 17.48
N GLY A 44 1.91 -6.48 16.17
CA GLY A 44 2.82 -6.89 15.09
C GLY A 44 2.69 -8.36 14.78
N GLU A 45 1.72 -9.05 15.40
CA GLU A 45 1.47 -10.49 15.15
C GLU A 45 0.88 -10.69 13.76
N VAL A 46 1.45 -11.67 13.06
CA VAL A 46 0.91 -12.09 11.75
C VAL A 46 -0.24 -13.06 12.02
N LEU A 47 -1.46 -12.65 11.73
CA LEU A 47 -2.68 -13.45 11.99
C LEU A 47 -2.99 -14.40 10.84
N ALA A 48 -2.56 -14.08 9.64
CA ALA A 48 -2.77 -14.92 8.42
C ALA A 48 -1.70 -14.53 7.42
N MET A 49 -1.23 -15.51 6.65
CA MET A 49 -0.16 -15.27 5.67
C MET A 49 -0.30 -16.39 4.65
N ALA A 50 -0.73 -16.07 3.44
CA ALA A 50 -1.09 -17.14 2.47
C ALA A 50 -0.50 -16.84 1.09
N ASN A 51 -0.08 -17.90 0.44
CA ASN A 51 0.37 -17.98 -0.98
CA ASN A 51 0.25 -17.84 -1.01
C ASN A 51 -0.68 -18.79 -1.74
N SER A 52 -1.10 -18.39 -2.93
CA SER A 52 -1.98 -19.21 -3.80
C SER A 52 -1.42 -19.16 -5.21
N PRO A 53 -1.14 -20.29 -5.87
CA PRO A 53 -1.13 -21.62 -5.29
C PRO A 53 -0.10 -21.81 -4.18
N GLY A 54 -0.30 -22.81 -3.35
CA GLY A 54 0.50 -23.00 -2.12
C GLY A 54 1.96 -23.37 -2.37
N ARG A 55 2.35 -23.85 -3.75
CA ARG A 55 3.79 -24.12 -3.99
C ARG A 55 4.44 -22.90 -4.68
N ASN A 56 3.68 -21.85 -4.97
CA ASN A 56 4.24 -20.61 -5.54
C ASN A 56 4.56 -19.70 -4.36
N ARG A 57 5.84 -19.58 -4.00
CA ARG A 57 6.28 -18.91 -2.75
C ARG A 57 6.42 -17.41 -2.99
N THR A 58 5.29 -16.70 -3.04
CA THR A 58 5.23 -15.32 -3.53
C THR A 58 5.14 -14.31 -2.38
N ILE A 59 4.97 -14.75 -1.12
CA ILE A 59 4.89 -13.82 0.06
C ILE A 59 6.16 -12.94 0.08
N THR A 60 7.31 -13.44 -0.39
CA THR A 60 8.60 -12.69 -0.37
C THR A 60 8.98 -12.15 -1.74
N ASP A 61 8.09 -12.22 -2.74
CA ASP A 61 8.41 -11.62 -4.05
C ASP A 61 8.36 -10.10 -3.88
N VAL A 62 9.27 -9.39 -4.52
CA VAL A 62 9.30 -7.90 -4.47
C VAL A 62 8.48 -7.30 -5.62
N PHE A 63 7.92 -6.11 -5.37
CA PHE A 63 7.17 -5.30 -6.36
C PHE A 63 7.26 -3.81 -5.98
N GLU A 64 7.09 -2.95 -6.97
CA GLU A 64 7.06 -1.49 -6.75
C GLU A 64 5.72 -1.18 -6.07
N PRO A 65 5.74 -0.52 -4.88
CA PRO A 65 4.55 -0.35 -4.04
C PRO A 65 3.56 0.68 -4.59
N GLY A 66 3.95 1.47 -5.58
CA GLY A 66 3.04 2.38 -6.27
C GLY A 66 2.27 3.26 -5.31
N SER A 67 0.98 3.41 -5.54
CA SER A 67 0.07 4.36 -4.84
CA SER A 67 0.12 4.39 -4.83
C SER A 67 0.02 4.09 -3.32
N THR A 68 0.37 2.88 -2.89
CA THR A 68 0.34 2.56 -1.44
C THR A 68 1.30 3.44 -0.65
N VAL A 69 2.24 4.11 -1.29
CA VAL A 69 3.14 5.05 -0.55
C VAL A 69 2.51 6.45 -0.43
N LYS A 70 1.54 6.80 -1.27
CA LYS A 70 1.02 8.19 -1.30
C LYS A 70 0.62 8.67 0.09
N PRO A 71 -0.01 7.88 0.97
CA PRO A 71 -0.36 8.38 2.31
C PRO A 71 0.88 8.92 3.02
N MET A 72 2.01 8.24 2.86
CA MET A 72 3.27 8.67 3.53
C MET A 72 3.73 10.00 2.99
N VAL A 73 3.46 10.29 1.72
CA VAL A 73 3.84 11.58 1.08
C VAL A 73 2.98 12.68 1.72
N VAL A 74 1.67 12.42 1.89
CA VAL A 74 0.80 13.44 2.53
C VAL A 74 1.23 13.67 3.99
N MET A 75 1.49 12.62 4.76
CA MET A 75 1.94 12.74 6.17
C MET A 75 3.21 13.59 6.23
N THR A 76 4.17 13.37 5.35
CA THR A 76 5.48 14.09 5.35
C THR A 76 5.29 15.58 5.03
N ALA A 77 4.46 15.89 4.03
CA ALA A 77 4.13 17.28 3.59
C ALA A 77 3.45 18.02 4.74
N LEU A 78 2.53 17.38 5.45
CA LEU A 78 1.87 18.00 6.61
C LEU A 78 2.92 18.24 7.70
N GLN A 79 3.76 17.26 7.98
CA GLN A 79 4.76 17.39 9.09
C GLN A 79 5.70 18.57 8.79
N ARG A 80 6.09 18.72 7.56
CA ARG A 80 7.07 19.75 7.14
C ARG A 80 6.37 21.09 6.92
N GLY A 81 5.04 21.16 7.07
CA GLY A 81 4.31 22.43 6.83
C GLY A 81 4.26 22.90 5.39
N VAL A 82 4.46 22.03 4.40
CA VAL A 82 4.29 22.37 2.95
C VAL A 82 2.81 22.65 2.71
N VAL A 83 1.94 21.90 3.39
CA VAL A 83 0.45 21.99 3.30
C VAL A 83 -0.12 21.99 4.73
N ARG A 84 -1.39 22.43 4.86
CA ARG A 84 -2.21 22.34 6.07
C ARG A 84 -3.35 21.39 5.73
N GLU A 85 -4.13 21.05 6.73
CA GLU A 85 -5.13 19.97 6.62
C GLU A 85 -6.12 20.31 5.50
N ASN A 86 -6.53 21.58 5.34
CA ASN A 86 -7.53 21.98 4.32
C ASN A 86 -6.86 22.53 3.04
N SER A 87 -5.60 22.25 2.78
CA SER A 87 -4.92 22.74 1.58
C SER A 87 -5.59 22.21 0.32
N VAL A 88 -5.57 23.00 -0.74
CA VAL A 88 -6.03 22.63 -2.10
C VAL A 88 -4.82 22.72 -3.02
N LEU A 89 -4.49 21.63 -3.73
CA LEU A 89 -3.36 21.61 -4.68
C LEU A 89 -3.90 21.86 -6.08
N ASN A 90 -3.12 22.55 -6.85
CA ASN A 90 -3.28 22.66 -8.31
C ASN A 90 -2.83 21.33 -8.93
N THR A 91 -3.73 20.58 -9.57
CA THR A 91 -3.41 19.23 -10.08
C THR A 91 -3.48 19.17 -11.61
N ILE A 92 -3.40 20.33 -12.25
CA ILE A 92 -3.26 20.40 -13.73
C ILE A 92 -1.96 19.69 -14.14
N PRO A 93 -2.06 18.77 -15.12
CA PRO A 93 -0.90 18.07 -15.65
C PRO A 93 0.18 19.05 -16.11
N TYR A 94 1.45 18.72 -15.86
CA TYR A 94 2.63 19.55 -16.19
C TYR A 94 3.82 18.64 -16.46
N ARG A 95 4.94 19.24 -16.86
CA ARG A 95 6.18 18.48 -17.20
C ARG A 95 7.15 18.57 -16.06
N ILE A 96 7.85 17.46 -15.79
CA ILE A 96 9.10 17.42 -14.96
C ILE A 96 10.22 16.91 -15.88
N ASN A 97 11.24 17.73 -16.14
CA ASN A 97 12.37 17.43 -17.06
C ASN A 97 11.88 16.95 -18.43
N GLY A 98 10.81 17.53 -18.99
CA GLY A 98 10.21 17.06 -20.25
C GLY A 98 9.18 15.95 -20.09
N HIS A 99 9.10 15.29 -18.94
CA HIS A 99 8.15 14.14 -18.71
C HIS A 99 6.80 14.66 -18.21
N GLU A 100 5.74 14.36 -18.97
CA GLU A 100 4.31 14.68 -18.66
CA GLU A 100 4.33 14.70 -18.64
C GLU A 100 3.89 13.94 -17.39
N ILE A 101 3.45 14.67 -16.36
CA ILE A 101 2.91 14.11 -15.09
C ILE A 101 1.40 14.26 -15.21
N LYS A 102 0.65 13.15 -15.18
CA LYS A 102 -0.81 13.17 -15.28
C LYS A 102 -1.42 12.08 -14.38
N ASP A 103 -2.71 12.23 -14.14
CA ASP A 103 -3.59 11.34 -13.34
C ASP A 103 -4.43 10.54 -14.35
N VAL A 104 -5.22 9.59 -13.86
CA VAL A 104 -6.18 8.84 -14.70
C VAL A 104 -7.22 9.80 -15.28
N ALA A 105 -7.74 10.69 -14.44
CA ALA A 105 -8.76 11.71 -14.77
C ALA A 105 -8.17 13.07 -14.39
N ARG A 106 -8.35 14.06 -15.25
CA ARG A 106 -7.81 15.42 -15.02
C ARG A 106 -8.75 16.17 -14.09
N TYR A 107 -8.21 16.63 -12.96
CA TYR A 107 -8.86 17.65 -12.10
C TYR A 107 -7.98 18.89 -12.07
N SER A 108 -8.58 20.09 -12.09
CA SER A 108 -7.77 21.30 -12.04
C SER A 108 -7.22 21.44 -10.61
N GLU A 109 -7.95 20.95 -9.61
CA GLU A 109 -7.50 21.08 -8.19
C GLU A 109 -8.10 19.98 -7.33
N LEU A 110 -7.37 19.57 -6.30
CA LEU A 110 -7.84 18.56 -5.34
C LEU A 110 -7.43 18.98 -3.93
N THR A 111 -8.29 18.72 -2.98
CA THR A 111 -7.90 18.74 -1.54
C THR A 111 -6.94 17.56 -1.29
N LEU A 112 -6.35 17.54 -0.10
CA LEU A 112 -5.47 16.41 0.27
C LEU A 112 -6.29 15.13 0.29
N THR A 113 -7.54 15.17 0.70
CA THR A 113 -8.40 13.97 0.62
C THR A 113 -8.56 13.61 -0.85
N GLY A 114 -8.82 14.58 -1.73
CA GLY A 114 -8.95 14.30 -3.16
C GLY A 114 -7.71 13.66 -3.72
N VAL A 115 -6.54 14.12 -3.30
CA VAL A 115 -5.25 13.57 -3.80
C VAL A 115 -5.25 12.06 -3.53
N LEU A 116 -5.71 11.61 -2.37
CA LEU A 116 -5.73 10.13 -2.10
C LEU A 116 -6.91 9.48 -2.82
N GLN A 117 -8.08 10.09 -2.77
CA GLN A 117 -9.28 9.52 -3.38
C GLN A 117 -8.99 9.24 -4.88
N LYS A 118 -8.33 10.20 -5.56
CA LYS A 118 -8.11 10.19 -7.04
C LYS A 118 -6.69 9.70 -7.38
N SER A 119 -5.94 9.36 -6.35
CA SER A 119 -4.55 8.84 -6.43
C SER A 119 -3.75 9.73 -7.36
N SER A 120 -3.70 11.03 -7.04
CA SER A 120 -3.17 12.08 -7.92
C SER A 120 -1.64 12.06 -7.91
N ASN A 121 -1.07 11.56 -9.01
CA ASN A 121 0.36 11.71 -9.32
C ASN A 121 0.73 13.20 -9.39
N VAL A 122 -0.12 14.02 -10.01
CA VAL A 122 0.17 15.46 -10.12
C VAL A 122 0.29 16.05 -8.71
N GLY A 123 -0.69 15.79 -7.85
CA GLY A 123 -0.69 16.35 -6.50
C GLY A 123 0.50 15.85 -5.70
N VAL A 124 0.78 14.55 -5.67
CA VAL A 124 1.89 14.06 -4.81
C VAL A 124 3.24 14.55 -5.39
N SER A 125 3.37 14.73 -6.69
CA SER A 125 4.64 15.20 -7.31
C SER A 125 4.92 16.61 -6.80
N LYS A 126 3.88 17.41 -6.64
CA LYS A 126 4.08 18.82 -6.22
C LYS A 126 4.49 18.86 -4.75
N LEU A 127 3.93 17.99 -3.92
CA LEU A 127 4.37 17.80 -2.51
C LEU A 127 5.83 17.36 -2.48
N ALA A 128 6.20 16.38 -3.31
CA ALA A 128 7.56 15.83 -3.32
C ALA A 128 8.56 16.94 -3.70
N LEU A 129 8.28 17.70 -4.74
CA LEU A 129 9.25 18.67 -5.30
C LEU A 129 9.27 19.94 -4.42
N ALA A 130 8.39 20.04 -3.42
CA ALA A 130 8.40 21.12 -2.41
C ALA A 130 9.21 20.71 -1.17
N MET A 131 9.80 19.53 -1.17
CA MET A 131 10.55 18.98 -0.01
C MET A 131 11.90 18.48 -0.51
N PRO A 132 12.94 18.45 0.34
CA PRO A 132 14.22 17.90 -0.08
C PRO A 132 14.03 16.41 -0.40
N SER A 133 14.82 15.91 -1.36
CA SER A 133 14.83 14.49 -1.78
C SER A 133 14.97 13.59 -0.54
N SER A 134 15.60 14.05 0.54
CA SER A 134 15.85 13.26 1.78
C SER A 134 14.54 13.01 2.55
N ALA A 135 13.51 13.83 2.36
CA ALA A 135 12.31 13.81 3.22
C ALA A 135 11.60 12.44 3.07
N LEU A 136 11.23 12.07 1.84
CA LEU A 136 10.45 10.80 1.62
C LEU A 136 11.37 9.60 1.89
N VAL A 137 12.66 9.73 1.57
CA VAL A 137 13.62 8.65 1.92
C VAL A 137 13.52 8.40 3.44
N ASP A 138 13.52 9.46 4.27
CA ASP A 138 13.45 9.29 5.74
C ASP A 138 12.09 8.69 6.17
N THR A 139 11.00 9.17 5.60
CA THR A 139 9.67 8.71 6.06
C THR A 139 9.49 7.22 5.73
N TYR A 140 9.80 6.84 4.49
CA TYR A 140 9.59 5.46 4.03
C TYR A 140 10.42 4.54 4.93
N SER A 141 11.68 4.91 5.15
CA SER A 141 12.57 4.20 6.11
C SER A 141 11.92 4.10 7.49
N ARG A 142 11.36 5.21 8.02
CA ARG A 142 10.70 5.20 9.35
C ARG A 142 9.59 4.14 9.41
N PHE A 143 8.87 3.95 8.30
CA PHE A 143 7.74 2.97 8.23
C PHE A 143 8.26 1.59 7.83
N GLY A 144 9.58 1.43 7.75
CA GLY A 144 10.23 0.10 7.57
C GLY A 144 10.66 -0.23 6.17
N LEU A 145 10.46 0.60 5.16
CA LEU A 145 10.93 0.23 3.80
C LEU A 145 12.47 0.22 3.82
N GLY A 146 13.02 -0.80 3.17
CA GLY A 146 14.47 -1.08 3.18
C GLY A 146 14.92 -1.81 4.43
N LYS A 147 14.04 -2.18 5.35
CA LYS A 147 14.44 -2.96 6.54
C LYS A 147 14.01 -4.41 6.34
N ALA A 148 14.83 -5.39 6.75
CA ALA A 148 14.44 -6.82 6.77
C ALA A 148 13.21 -7.07 7.65
N THR A 149 12.50 -8.17 7.43
CA THR A 149 11.31 -8.58 8.21
C THR A 149 11.52 -9.74 9.21
N ASN A 150 12.43 -10.68 8.91
CA ASN A 150 13.05 -11.65 9.87
C ASN A 150 12.06 -12.75 10.31
N LEU A 151 11.11 -13.18 9.47
CA LEU A 151 10.13 -14.21 9.87
C LEU A 151 10.68 -15.61 9.59
N GLY A 152 11.74 -15.69 8.78
CA GLY A 152 12.40 -16.97 8.42
C GLY A 152 11.82 -17.61 7.16
N LEU A 153 11.50 -16.83 6.14
CA LEU A 153 10.93 -17.35 4.88
C LEU A 153 11.98 -17.31 3.76
N VAL A 154 11.84 -18.16 2.76
CA VAL A 154 12.78 -18.17 1.61
C VAL A 154 12.66 -16.84 0.88
N GLY A 155 13.81 -16.26 0.54
CA GLY A 155 13.92 -15.04 -0.26
C GLY A 155 13.52 -13.81 0.54
N GLU A 156 13.39 -13.94 1.86
CA GLU A 156 12.78 -12.88 2.69
C GLU A 156 13.49 -11.53 2.45
N ARG A 157 14.65 -11.29 3.08
CA ARG A 157 15.51 -10.08 2.82
C ARG A 157 14.76 -8.75 3.10
N SER A 158 15.12 -7.65 2.39
CA SER A 158 14.86 -6.22 2.74
C SER A 158 14.37 -5.37 1.56
N GLY A 159 13.85 -5.97 0.48
CA GLY A 159 13.43 -5.21 -0.71
C GLY A 159 14.58 -4.47 -1.39
N LEU A 160 14.26 -3.66 -2.40
CA LEU A 160 15.16 -2.85 -3.26
C LEU A 160 14.99 -1.37 -2.91
N TYR A 161 15.86 -0.82 -2.08
CA TYR A 161 15.67 0.53 -1.51
C TYR A 161 16.87 1.40 -1.86
N PRO A 162 16.66 2.63 -2.39
CA PRO A 162 17.76 3.50 -2.84
C PRO A 162 18.58 4.08 -1.68
N GLN A 163 19.91 3.97 -1.80
CA GLN A 163 20.92 4.72 -0.99
C GLN A 163 21.52 5.78 -1.91
N LYS A 164 20.69 6.70 -2.42
CA LYS A 164 20.98 7.54 -3.62
C LYS A 164 21.60 8.88 -3.23
N GLN A 165 22.74 9.20 -3.83
CA GLN A 165 23.48 10.46 -3.58
C GLN A 165 22.81 11.57 -4.39
N ARG A 166 22.44 11.27 -5.65
CA ARG A 166 21.96 12.28 -6.63
C ARG A 166 20.55 11.93 -7.14
N TRP A 167 19.65 12.93 -7.11
CA TRP A 167 18.19 12.81 -7.43
C TRP A 167 17.80 13.84 -8.49
N SER A 168 17.44 13.41 -9.70
CA SER A 168 16.72 14.28 -10.66
C SER A 168 15.33 14.61 -10.12
N ASP A 169 14.70 15.64 -10.68
CA ASP A 169 13.29 16.02 -10.37
C ASP A 169 12.38 14.81 -10.64
N ILE A 170 12.53 14.15 -11.80
CA ILE A 170 11.63 13.02 -12.18
C ILE A 170 11.84 11.86 -11.20
N GLU A 171 13.05 11.64 -10.70
CA GLU A 171 13.29 10.55 -9.70
C GLU A 171 12.60 10.88 -8.36
N ARG A 172 12.68 12.12 -7.92
CA ARG A 172 12.00 12.60 -6.70
C ARG A 172 10.49 12.37 -6.83
N ALA A 173 9.94 12.61 -8.03
CA ALA A 173 8.49 12.46 -8.34
C ALA A 173 8.13 10.98 -8.38
N THR A 174 8.87 10.17 -9.13
CA THR A 174 8.52 8.73 -9.27
C THR A 174 8.64 8.05 -7.89
N PHE A 175 9.54 8.50 -7.02
CA PHE A 175 9.65 7.94 -5.65
C PHE A 175 8.37 8.26 -4.85
N SER A 176 7.85 9.46 -5.01
CA SER A 176 6.57 9.87 -4.37
C SER A 176 5.40 9.07 -4.94
N PHE A 177 5.52 8.54 -6.15
CA PHE A 177 4.48 7.70 -6.79
C PHE A 177 4.63 6.25 -6.33
N GLY A 178 5.74 5.88 -5.70
CA GLY A 178 6.01 4.52 -5.25
C GLY A 178 6.75 3.66 -6.27
N TYR A 179 7.57 4.27 -7.10
CA TYR A 179 8.29 3.51 -8.15
C TYR A 179 9.78 3.84 -8.02
N GLY A 180 10.59 2.93 -8.57
CA GLY A 180 12.05 2.97 -8.43
C GLY A 180 12.52 2.41 -7.11
N LEU A 181 11.64 1.78 -6.32
CA LEU A 181 12.01 1.00 -5.14
C LEU A 181 11.13 -0.25 -5.13
N MET A 182 11.56 -1.29 -4.45
CA MET A 182 10.67 -2.48 -4.35
C MET A 182 10.51 -2.90 -2.91
N VAL A 183 9.34 -3.49 -2.64
CA VAL A 183 8.95 -3.94 -1.31
C VAL A 183 8.46 -5.38 -1.43
N THR A 184 8.48 -6.09 -0.32
CA THR A 184 7.77 -7.35 -0.14
C THR A 184 6.37 -7.09 0.43
N PRO A 185 5.46 -8.05 0.25
CA PRO A 185 4.18 -7.98 0.94
C PRO A 185 4.33 -7.82 2.45
N LEU A 186 5.32 -8.50 3.06
CA LEU A 186 5.51 -8.41 4.51
C LEU A 186 5.89 -6.97 4.86
N GLN A 187 6.83 -6.39 4.13
CA GLN A 187 7.28 -5.00 4.38
C GLN A 187 6.06 -4.06 4.28
N LEU A 188 5.25 -4.24 3.25
CA LEU A 188 4.15 -3.28 3.04
C LEU A 188 3.12 -3.48 4.14
N ALA A 189 2.89 -4.72 4.58
CA ALA A 189 1.94 -4.98 5.67
C ALA A 189 2.41 -4.26 6.95
N ARG A 190 3.72 -4.32 7.21
CA ARG A 190 4.36 -3.59 8.34
C ARG A 190 4.22 -2.06 8.21
N VAL A 191 4.32 -1.52 7.00
CA VAL A 191 4.01 -0.09 6.77
C VAL A 191 2.58 0.15 7.28
N TYR A 192 1.60 -0.63 6.81
CA TYR A 192 0.18 -0.36 7.08
C TYR A 192 -0.15 -0.65 8.56
N ALA A 193 0.59 -1.56 9.20
CA ALA A 193 0.48 -1.74 10.65
C ALA A 193 0.96 -0.50 11.40
N THR A 194 1.99 0.17 10.89
CA THR A 194 2.55 1.39 11.48
C THR A 194 1.55 2.52 11.26
N ILE A 195 0.81 2.50 10.13
CA ILE A 195 -0.30 3.47 9.94
C ILE A 195 -1.41 3.19 10.96
N GLY A 196 -1.81 1.91 11.15
CA GLY A 196 -2.93 1.50 12.01
C GLY A 196 -2.68 1.87 13.46
N SER A 197 -1.39 1.97 13.85
CA SER A 197 -1.03 2.30 15.26
C SER A 197 -0.90 3.81 15.42
N TYR A 198 -1.06 4.56 14.34
CA TYR A 198 -0.80 6.03 14.25
C TYR A 198 0.68 6.36 14.51
N GLY A 199 1.63 5.60 13.96
CA GLY A 199 3.03 6.03 13.87
C GLY A 199 3.93 5.31 14.85
N ILE A 200 3.48 4.18 15.37
CA ILE A 200 4.33 3.27 16.20
C ILE A 200 4.78 2.08 15.35
N TYR A 201 6.09 2.02 15.09
CA TYR A 201 6.75 0.96 14.29
C TYR A 201 7.08 -0.23 15.19
N ARG A 202 6.59 -1.41 14.83
CA ARG A 202 6.81 -2.67 15.57
C ARG A 202 7.28 -3.73 14.62
N PRO A 203 8.12 -4.69 15.09
CA PRO A 203 8.49 -5.80 14.23
C PRO A 203 7.29 -6.72 14.00
N LEU A 204 7.28 -7.37 12.83
CA LEU A 204 6.36 -8.50 12.62
C LEU A 204 6.75 -9.67 13.50
N SER A 205 5.76 -10.43 13.94
CA SER A 205 5.97 -11.68 14.70
C SER A 205 5.10 -12.78 14.15
N ILE A 206 5.71 -13.95 13.96
CA ILE A 206 4.89 -15.17 13.73
C ILE A 206 4.77 -15.94 15.04
N THR A 207 5.26 -15.43 16.18
CA THR A 207 4.99 -16.06 17.49
C THR A 207 4.15 -15.13 18.33
N LYS A 208 3.30 -15.70 19.18
CA LYS A 208 2.40 -14.94 20.10
C LYS A 208 3.23 -14.01 20.99
N VAL A 209 2.67 -12.83 21.24
CA VAL A 209 3.13 -11.85 22.26
C VAL A 209 1.92 -11.39 23.08
N ASP A 210 2.16 -10.93 24.31
CA ASP A 210 1.09 -10.39 25.19
C ASP A 210 1.13 -8.87 25.06
N PRO A 211 -0.02 -8.22 24.80
CA PRO A 211 -0.08 -6.77 24.62
C PRO A 211 -0.01 -6.10 25.98
N PRO A 212 0.32 -4.80 26.11
CA PRO A 212 0.82 -3.96 25.01
C PRO A 212 2.26 -4.25 24.63
N VAL A 213 2.60 -3.99 23.35
CA VAL A 213 3.95 -4.19 22.78
C VAL A 213 4.52 -2.82 22.52
N PRO A 214 5.44 -2.30 23.35
CA PRO A 214 6.09 -1.02 23.05
C PRO A 214 6.84 -1.03 21.71
N GLY A 215 6.58 0.01 20.93
CA GLY A 215 7.15 0.18 19.59
C GLY A 215 7.99 1.42 19.53
N GLU A 216 8.46 1.72 18.34
CA GLU A 216 9.29 2.90 18.11
C GLU A 216 8.34 3.98 17.59
N ARG A 217 8.32 5.16 18.21
CA ARG A 217 7.56 6.31 17.69
C ARG A 217 8.34 6.81 16.47
N VAL A 218 7.77 6.64 15.28
CA VAL A 218 8.46 7.03 14.02
C VAL A 218 7.68 8.15 13.34
N PHE A 219 6.44 8.46 13.77
CA PHE A 219 5.64 9.55 13.16
C PHE A 219 4.57 10.02 14.15
N PRO A 220 4.31 11.35 14.22
CA PRO A 220 3.31 11.87 15.14
C PRO A 220 1.89 11.30 14.93
N GLU A 221 1.28 10.89 16.01
CA GLU A 221 -0.06 10.29 16.06
C GLU A 221 -1.02 11.22 15.32
N SER A 222 -1.05 12.55 15.68
CA SER A 222 -2.05 13.47 15.04
C SER A 222 -1.99 13.41 13.51
N ILE A 223 -0.82 13.46 12.91
CA ILE A 223 -0.63 13.46 11.44
C ILE A 223 -1.07 12.12 10.88
N VAL A 224 -0.59 11.01 11.45
CA VAL A 224 -1.03 9.69 10.91
C VAL A 224 -2.54 9.56 10.99
N ARG A 225 -3.16 9.93 12.10
CA ARG A 225 -4.64 9.79 12.19
C ARG A 225 -5.34 10.72 11.16
N THR A 226 -4.82 11.91 10.95
CA THR A 226 -5.36 12.86 9.92
C THR A 226 -5.45 12.11 8.59
N VAL A 227 -4.35 11.50 8.20
CA VAL A 227 -4.24 10.86 6.85
C VAL A 227 -5.07 9.56 6.80
N VAL A 228 -5.18 8.81 7.89
CA VAL A 228 -6.07 7.62 7.92
C VAL A 228 -7.49 8.06 7.57
N HIS A 229 -7.94 9.17 8.16
CA HIS A 229 -9.31 9.66 7.86
CA HIS A 229 -9.30 9.69 7.89
C HIS A 229 -9.39 10.08 6.40
N MET A 230 -8.38 10.75 5.86
CA MET A 230 -8.38 11.13 4.43
C MET A 230 -8.45 9.88 3.53
N MET A 231 -7.79 8.80 3.93
CA MET A 231 -7.73 7.57 3.12
C MET A 231 -9.11 6.92 3.00
N GLU A 232 -10.02 7.19 3.92
CA GLU A 232 -11.36 6.53 3.91
C GLU A 232 -12.03 6.82 2.57
N SER A 233 -11.74 7.94 1.94
CA SER A 233 -12.37 8.37 0.67
C SER A 233 -12.08 7.35 -0.43
N VAL A 234 -10.96 6.60 -0.32
CA VAL A 234 -10.51 5.72 -1.42
C VAL A 234 -11.54 4.61 -1.63
N ALA A 235 -12.24 4.20 -0.57
CA ALA A 235 -13.20 3.07 -0.60
C ALA A 235 -14.65 3.57 -0.66
N LEU A 236 -14.83 4.82 -1.05
CA LEU A 236 -16.16 5.46 -1.26
C LEU A 236 -16.30 5.77 -2.74
N PRO A 237 -17.56 5.95 -3.26
CA PRO A 237 -17.71 6.24 -4.68
C PRO A 237 -16.84 7.44 -5.10
N GLY A 238 -16.19 7.28 -6.23
CA GLY A 238 -15.26 8.25 -6.83
C GLY A 238 -13.83 8.01 -6.34
N GLY A 239 -13.67 7.08 -5.42
CA GLY A 239 -12.34 6.61 -5.00
C GLY A 239 -11.85 5.40 -5.80
N GLY A 240 -10.54 5.24 -5.94
CA GLY A 240 -9.94 4.16 -6.71
C GLY A 240 -10.18 2.79 -6.13
N GLY A 241 -10.58 2.68 -4.85
CA GLY A 241 -10.75 1.41 -4.14
C GLY A 241 -12.17 1.12 -3.73
N VAL A 242 -13.14 1.72 -4.42
CA VAL A 242 -14.56 1.55 -4.04
C VAL A 242 -14.95 0.07 -4.05
N LYS A 243 -14.33 -0.77 -4.87
CA LYS A 243 -14.75 -2.20 -4.93
C LYS A 243 -14.35 -2.94 -3.65
N ALA A 244 -13.52 -2.34 -2.80
CA ALA A 244 -13.12 -2.96 -1.52
C ALA A 244 -14.10 -2.66 -0.37
N ALA A 245 -15.11 -1.80 -0.58
CA ALA A 245 -16.00 -1.34 0.50
C ALA A 245 -16.67 -2.53 1.17
N ILE A 246 -16.80 -2.45 2.48
CA ILE A 246 -17.43 -3.46 3.35
C ILE A 246 -18.63 -2.80 4.01
N LYS A 247 -19.81 -3.36 3.79
CA LYS A 247 -21.06 -2.90 4.46
C LYS A 247 -20.87 -2.85 5.99
N GLY A 248 -21.11 -1.70 6.59
CA GLY A 248 -21.06 -1.49 8.05
C GLY A 248 -19.74 -0.89 8.55
N TYR A 249 -18.71 -0.79 7.70
CA TYR A 249 -17.36 -0.43 8.20
C TYR A 249 -16.78 0.72 7.38
N ARG A 250 -16.01 1.51 8.09
CA ARG A 250 -15.08 2.51 7.51
C ARG A 250 -13.75 1.80 7.29
N ILE A 251 -13.15 1.96 6.13
CA ILE A 251 -11.81 1.35 5.87
C ILE A 251 -10.89 2.41 5.28
N ALA A 252 -9.60 2.25 5.52
CA ALA A 252 -8.55 3.18 5.04
C ALA A 252 -7.59 2.35 4.20
N ILE A 253 -7.66 2.52 2.88
CA ILE A 253 -6.92 1.67 1.93
C ILE A 253 -6.27 2.51 0.83
N LYS A 254 -5.34 1.88 0.13
CA LYS A 254 -4.81 2.34 -1.15
C LYS A 254 -4.69 1.13 -2.08
N THR A 255 -5.04 1.31 -3.34
CA THR A 255 -4.97 0.25 -4.37
C THR A 255 -4.04 0.76 -5.47
N GLY A 256 -3.22 -0.12 -6.00
CA GLY A 256 -2.19 0.27 -6.96
C GLY A 256 -1.79 -0.87 -7.87
N THR A 257 -0.89 -0.54 -8.80
CA THR A 257 -0.50 -1.43 -9.90
C THR A 257 0.97 -1.20 -10.21
N ALA A 258 1.68 -2.30 -10.44
CA ALA A 258 3.06 -2.25 -10.98
C ALA A 258 3.16 -3.19 -12.16
N LYS A 259 4.22 -3.02 -12.94
CA LYS A 259 4.59 -4.00 -14.00
C LYS A 259 5.78 -4.82 -13.52
N LYS A 260 5.84 -6.10 -13.90
CA LYS A 260 6.89 -7.01 -13.37
C LYS A 260 8.26 -6.66 -13.99
N VAL A 261 9.29 -6.65 -13.17
CA VAL A 261 10.68 -6.33 -13.58
C VAL A 261 11.45 -7.64 -13.70
N GLY A 262 12.12 -7.82 -14.85
CA GLY A 262 13.12 -8.90 -15.05
C GLY A 262 14.45 -8.62 -14.35
N PRO A 263 15.37 -9.61 -14.33
CA PRO A 263 16.66 -9.43 -13.67
C PRO A 263 17.61 -8.51 -14.46
N ASP A 264 17.20 -8.05 -15.65
CA ASP A 264 17.91 -7.00 -16.44
C ASP A 264 17.37 -5.61 -16.06
N GLY A 265 16.39 -5.52 -15.16
CA GLY A 265 15.69 -4.25 -14.85
C GLY A 265 14.82 -3.77 -15.99
N ARG A 266 14.51 -4.63 -16.97
CA ARG A 266 13.51 -4.34 -18.02
C ARG A 266 12.14 -4.88 -17.58
N TYR A 267 11.08 -4.15 -17.93
CA TYR A 267 9.67 -4.54 -17.65
C TYR A 267 9.18 -5.49 -18.74
N ILE A 268 8.33 -6.41 -18.29
CA ILE A 268 7.55 -7.28 -19.20
C ILE A 268 6.09 -7.03 -18.91
N ASN A 269 5.26 -7.40 -19.86
CA ASN A 269 3.82 -7.12 -19.91
C ASN A 269 3.08 -8.10 -18.98
N LYS A 270 3.50 -8.14 -17.71
CA LYS A 270 2.79 -8.86 -16.62
C LYS A 270 2.54 -7.81 -15.54
N TYR A 271 1.31 -7.75 -15.04
CA TYR A 271 0.93 -6.74 -14.04
C TYR A 271 0.93 -7.37 -12.66
N ILE A 272 1.16 -6.52 -11.69
CA ILE A 272 1.03 -6.86 -10.25
C ILE A 272 0.03 -5.88 -9.64
N ALA A 273 -1.13 -6.40 -9.21
CA ALA A 273 -2.27 -5.62 -8.71
C ALA A 273 -2.32 -5.75 -7.20
N TYR A 274 -2.45 -4.66 -6.45
CA TYR A 274 -2.40 -4.80 -4.99
C TYR A 274 -3.33 -3.80 -4.32
N THR A 275 -3.69 -4.14 -3.10
CA THR A 275 -4.43 -3.25 -2.18
C THR A 275 -3.82 -3.41 -0.80
N ALA A 276 -3.54 -2.30 -0.13
CA ALA A 276 -3.08 -2.30 1.26
C ALA A 276 -4.02 -1.45 2.11
N GLY A 277 -4.25 -1.80 3.34
CA GLY A 277 -5.28 -1.08 4.10
C GLY A 277 -5.31 -1.43 5.54
N VAL A 278 -6.01 -0.60 6.31
CA VAL A 278 -6.34 -0.92 7.71
C VAL A 278 -7.85 -0.81 7.92
N ALA A 279 -8.34 -1.53 8.91
CA ALA A 279 -9.75 -1.48 9.26
C ALA A 279 -9.93 -1.91 10.72
N PRO A 280 -11.01 -1.46 11.38
CA PRO A 280 -11.89 -0.39 10.92
C PRO A 280 -11.18 0.96 11.06
N ALA A 281 -11.48 1.91 10.17
CA ALA A 281 -10.73 3.18 10.13
C ALA A 281 -10.89 4.01 11.43
N SER A 282 -12.00 3.89 12.15
CA SER A 282 -12.28 4.61 13.43
C SER A 282 -11.28 4.19 14.53
N GLN A 283 -11.01 2.89 14.66
CA GLN A 283 -9.94 2.41 15.59
C GLN A 283 -9.37 1.13 15.01
N PRO A 284 -8.31 1.27 14.22
CA PRO A 284 -7.84 0.15 13.44
C PRO A 284 -7.48 -1.08 14.31
N ARG A 285 -7.76 -2.25 13.78
CA ARG A 285 -7.41 -3.56 14.42
C ARG A 285 -6.41 -4.31 13.52
N PHE A 286 -6.59 -4.22 12.20
CA PHE A 286 -5.86 -5.10 11.25
C PHE A 286 -5.28 -4.28 10.11
N ALA A 287 -4.11 -4.66 9.67
CA ALA A 287 -3.49 -4.26 8.42
C ALA A 287 -3.54 -5.44 7.47
N LEU A 288 -3.95 -5.21 6.22
CA LEU A 288 -4.05 -6.27 5.20
C LEU A 288 -3.37 -5.81 3.92
N VAL A 289 -2.61 -6.71 3.31
CA VAL A 289 -2.05 -6.52 1.96
C VAL A 289 -2.49 -7.71 1.12
N VAL A 290 -3.06 -7.46 -0.04
CA VAL A 290 -3.43 -8.49 -1.02
C VAL A 290 -2.71 -8.17 -2.32
N VAL A 291 -2.05 -9.16 -2.89
CA VAL A 291 -1.30 -8.98 -4.17
C VAL A 291 -1.80 -10.06 -5.13
N ILE A 292 -2.16 -9.65 -6.33
CA ILE A 292 -2.55 -10.60 -7.43
C ILE A 292 -1.52 -10.46 -8.55
N ASN A 293 -0.83 -11.52 -8.87
CA ASN A 293 0.29 -11.52 -9.84
C ASN A 293 -0.19 -12.03 -11.22
N ASP A 294 0.06 -11.24 -12.25
CA ASP A 294 -0.18 -11.63 -13.67
C ASP A 294 -1.63 -12.05 -13.84
N PRO A 295 -2.60 -11.15 -13.56
CA PRO A 295 -3.99 -11.39 -13.94
C PRO A 295 -4.10 -11.42 -15.47
N GLN A 296 -4.96 -12.30 -15.96
CA GLN A 296 -5.07 -12.59 -17.41
C GLN A 296 -6.53 -12.64 -17.87
N ALA A 297 -7.49 -12.11 -17.10
CA ALA A 297 -8.93 -12.11 -17.45
C ALA A 297 -9.38 -10.69 -17.83
N GLY A 298 -8.50 -9.90 -18.43
CA GLY A 298 -8.84 -8.66 -19.15
C GLY A 298 -8.88 -7.46 -18.21
N LYS A 299 -8.64 -7.65 -16.90
CA LYS A 299 -8.48 -6.55 -15.92
C LYS A 299 -7.09 -6.69 -15.30
N TYR A 300 -6.38 -5.57 -15.12
CA TYR A 300 -4.95 -5.57 -14.74
C TYR A 300 -4.69 -4.72 -13.48
N TYR A 301 -5.50 -3.71 -13.19
CA TYR A 301 -5.15 -2.68 -12.18
C TYR A 301 -5.61 -3.13 -10.79
N GLY A 302 -4.92 -2.65 -9.75
CA GLY A 302 -5.24 -2.91 -8.35
C GLY A 302 -6.71 -2.77 -8.07
N GLY A 303 -7.33 -1.66 -8.52
CA GLY A 303 -8.70 -1.30 -8.10
C GLY A 303 -9.71 -2.27 -8.64
N ALA A 304 -9.41 -2.84 -9.81
CA ALA A 304 -10.31 -3.80 -10.48
C ALA A 304 -10.00 -5.23 -10.02
N VAL A 305 -8.71 -5.56 -9.84
CA VAL A 305 -8.29 -6.96 -9.67
C VAL A 305 -8.19 -7.27 -8.17
N SER A 306 -7.56 -6.40 -7.37
CA SER A 306 -7.22 -6.79 -5.98
C SER A 306 -8.17 -6.16 -4.93
N ALA A 307 -8.86 -5.07 -5.25
CA ALA A 307 -9.73 -4.41 -4.27
C ALA A 307 -10.90 -5.31 -3.85
N PRO A 308 -11.59 -6.02 -4.78
CA PRO A 308 -12.70 -6.86 -4.34
C PRO A 308 -12.23 -7.90 -3.32
N VAL A 309 -11.09 -8.54 -3.54
CA VAL A 309 -10.71 -9.62 -2.59
C VAL A 309 -10.26 -8.99 -1.27
N PHE A 310 -9.69 -7.78 -1.28
CA PHE A 310 -9.37 -7.06 -0.02
C PHE A 310 -10.64 -6.93 0.81
N GLY A 311 -11.72 -6.46 0.18
CA GLY A 311 -13.00 -6.30 0.86
C GLY A 311 -13.56 -7.65 1.33
N ALA A 312 -13.46 -8.70 0.51
CA ALA A 312 -14.01 -10.01 0.92
C ALA A 312 -13.23 -10.51 2.13
N ILE A 313 -11.91 -10.39 2.12
CA ILE A 313 -11.08 -10.92 3.23
C ILE A 313 -11.28 -10.05 4.46
N MET A 314 -11.13 -8.74 4.33
CA MET A 314 -11.21 -7.88 5.52
C MET A 314 -12.62 -8.00 6.12
N GLY A 315 -13.67 -8.08 5.31
CA GLY A 315 -15.03 -8.20 5.87
C GLY A 315 -15.16 -9.49 6.65
N GLY A 316 -14.65 -10.58 6.07
CA GLY A 316 -14.63 -11.89 6.76
C GLY A 316 -13.87 -11.83 8.07
N VAL A 317 -12.71 -11.17 8.10
CA VAL A 317 -11.91 -10.98 9.36
C VAL A 317 -12.74 -10.21 10.39
N LEU A 318 -13.33 -9.09 10.00
CA LEU A 318 -14.03 -8.20 10.95
C LEU A 318 -15.20 -8.98 11.59
N ARG A 319 -15.93 -9.75 10.81
CA ARG A 319 -17.06 -10.58 11.33
CA ARG A 319 -17.06 -10.58 11.33
C ARG A 319 -16.50 -11.64 12.27
N THR A 320 -15.54 -12.42 11.82
CA THR A 320 -14.94 -13.53 12.62
C THR A 320 -14.47 -13.01 13.98
N MET A 321 -13.89 -11.82 14.01
CA MET A 321 -13.25 -11.29 15.23
C MET A 321 -14.27 -10.44 16.02
N ASN A 322 -15.54 -10.42 15.61
CA ASN A 322 -16.63 -9.69 16.28
C ASN A 322 -16.25 -8.24 16.50
N ILE A 323 -15.74 -7.58 15.46
CA ILE A 323 -15.49 -6.13 15.52
C ILE A 323 -16.82 -5.40 15.30
N GLU A 324 -17.14 -4.43 16.15
CA GLU A 324 -18.39 -3.62 16.04
C GLU A 324 -18.33 -2.82 14.75
N PRO A 325 -19.37 -2.86 13.91
CA PRO A 325 -19.48 -1.94 12.77
C PRO A 325 -19.30 -0.47 13.16
N ASP A 326 -18.54 0.30 12.39
CA ASP A 326 -18.28 1.71 12.74
C ASP A 326 -18.78 2.68 11.66
N ALA A 327 -19.56 2.23 10.67
CA ALA A 327 -20.09 3.13 9.61
C ALA A 327 -21.34 3.85 10.12
N LEU A 328 -21.59 5.08 9.65
CA LEU A 328 -22.83 5.88 9.90
C LEU A 328 -22.93 6.16 11.41
N ALA B 1 11.52 3.03 -23.95
CA ALA B 1 10.58 2.32 -23.07
C ALA B 1 10.99 2.54 -21.60
N CYS B 2 10.22 2.00 -20.67
CA CYS B 2 10.47 2.11 -19.22
C CYS B 2 11.56 1.12 -18.79
N SER B 3 12.25 1.42 -17.70
CA SER B 3 13.21 0.49 -17.09
C SER B 3 13.32 0.79 -15.60
N PHE B 4 13.65 -0.24 -14.84
CA PHE B 4 13.79 -0.18 -13.37
C PHE B 4 15.26 -0.15 -13.00
N PRO B 5 15.72 0.77 -12.11
CA PRO B 5 14.88 1.77 -11.44
C PRO B 5 14.79 3.17 -12.05
N LYS B 6 15.53 3.46 -13.13
CA LYS B 6 15.75 4.87 -13.54
C LYS B 6 14.52 5.43 -14.28
N CYS B 7 13.68 4.62 -14.95
CA CYS B 7 12.54 5.18 -15.70
C CYS B 7 11.32 4.27 -15.54
N PRO B 8 10.78 4.19 -14.32
CA PRO B 8 9.78 3.16 -14.04
C PRO B 8 8.45 3.34 -14.77
N TRP B 9 7.74 2.24 -14.95
CA TRP B 9 6.33 2.24 -15.41
C TRP B 9 5.48 2.71 -14.23
N VAL B 10 4.59 3.65 -14.49
CA VAL B 10 3.81 4.38 -13.47
C VAL B 10 2.35 4.25 -13.81
N GLU B 11 1.58 3.71 -12.86
CA GLU B 11 0.14 3.56 -13.03
C GLU B 11 -0.47 4.94 -13.30
N GLY B 12 -1.30 5.02 -14.33
CA GLY B 12 -2.12 6.20 -14.65
C GLY B 12 -1.32 7.30 -15.34
N CYS B 13 -0.07 7.04 -15.70
CA CYS B 13 0.79 8.08 -16.32
C CYS B 13 1.78 7.44 -17.29
N ALA B 14 1.51 7.55 -18.59
CA ALA B 14 2.39 6.90 -19.55
C ALA B 14 3.73 7.64 -19.60
N NH2 B 15 3.75 8.91 -19.33
N1 29N C . 7.02 8.14 -15.60
C2 29N C . 6.80 7.29 -16.76
N3 29N C . 7.82 7.65 -17.76
C4 29N C . 8.58 8.84 -17.40
N5 29N C . 9.30 8.56 -16.15
C6 29N C . 8.38 8.02 -15.10
C7 29N C . 6.15 9.04 -15.11
C8 29N C . 4.82 9.10 -15.76
O9 29N C . 6.48 9.71 -14.13
C10 29N C . 10.61 8.61 -15.89
C11 29N C . 11.56 9.09 -16.97
O12 29N C . 11.05 8.23 -14.81
C13 29N C . 8.20 6.91 -18.82
C14 29N C . 7.49 5.62 -19.10
O15 29N C . 9.19 7.24 -19.46
C16 29N C . 3.84 10.15 -15.25
C19 29N C . 12.42 7.98 -17.54
C25 29N C . 8.32 4.42 -18.67
#